data_4FET
#
_entry.id   4FET
#
_cell.length_a   53.850
_cell.length_b   64.450
_cell.length_c   84.020
_cell.angle_alpha   90.00
_cell.angle_beta   90.00
_cell.angle_gamma   90.00
#
_symmetry.space_group_name_H-M   'P 2 21 21'
#
loop_
_entity.id
_entity.type
_entity.pdbx_description
1 polymer 'Spore cortex-lytic enzyme prepeptide'
2 non-polymer 'SODIUM ION'
3 water water
#
_entity_poly.entity_id   1
_entity_poly.type   'polypeptide(L)'
_entity_poly.pdbx_seq_one_letter_code
;GFSNQVIQRGASGEDVIELQSRLKYNGFYTGKVDGVFGWGTYWALRNFQEKFGLPVDGLAGAKTKQ(MSE)LVKATKYDK
STANKGNSGGTAQENKPSQNKGTNVPNGYSQNDIQ(MSE)(MSE)ANAVYGESRGEPYLGQVAVAAVILNRVTSASFPNT
VSGVIFEPRAFTAVADGQIYLTPNETAKKAVLDAINGWDPTGNALYYFNPDTATSKWIWTRPQIKKIGKHIFCK
;
_entity_poly.pdbx_strand_id   B,A
#
# COMPACT_ATOMS: atom_id res chain seq x y z
N ASN A 100 -2.47 -28.07 7.51
CA ASN A 100 -2.24 -26.83 6.72
C ASN A 100 -2.41 -25.58 7.57
N VAL A 101 -3.21 -25.67 8.64
CA VAL A 101 -3.75 -24.48 9.35
C VAL A 101 -3.38 -24.34 10.84
N PRO A 102 -3.16 -23.09 11.29
CA PRO A 102 -2.71 -22.92 12.67
C PRO A 102 -3.68 -23.56 13.66
N ASN A 103 -3.15 -24.14 14.73
CA ASN A 103 -4.01 -24.68 15.77
C ASN A 103 -4.95 -23.61 16.28
N GLY A 104 -6.20 -23.99 16.53
CA GLY A 104 -7.20 -22.96 16.93
C GLY A 104 -8.09 -22.51 15.78
N TYR A 105 -7.74 -22.89 14.55
CA TYR A 105 -8.48 -22.45 13.39
C TYR A 105 -8.84 -23.63 12.51
N SER A 106 -9.99 -23.58 11.83
CA SER A 106 -10.36 -24.56 10.83
C SER A 106 -9.90 -24.06 9.46
N GLN A 107 -9.90 -24.96 8.48
CA GLN A 107 -9.65 -24.60 7.05
C GLN A 107 -10.62 -23.53 6.63
N ASN A 108 -11.89 -23.66 7.05
CA ASN A 108 -12.92 -22.66 6.68
C ASN A 108 -12.60 -21.31 7.36
N ASP A 109 -12.17 -21.34 8.63
CA ASP A 109 -11.74 -20.12 9.30
C ASP A 109 -10.69 -19.34 8.49
N ILE A 110 -9.60 -20.02 8.16
CA ILE A 110 -8.56 -19.36 7.40
C ILE A 110 -9.03 -18.87 6.01
N GLN A 111 -9.79 -19.72 5.30
CA GLN A 111 -10.29 -19.26 3.98
C GLN A 111 -11.18 -18.04 4.12
N ALA A 114 -9.11 -14.93 4.78
CA ALA A 114 -8.40 -14.49 3.60
C ALA A 114 -9.34 -13.75 2.66
N ASN A 115 -10.53 -14.35 2.47
CA ASN A 115 -11.50 -13.68 1.60
C ASN A 115 -12.01 -12.36 2.16
N ALA A 116 -12.27 -12.30 3.48
CA ALA A 116 -12.62 -11.02 4.17
C ALA A 116 -11.52 -9.99 3.96
N VAL A 117 -10.28 -10.40 4.14
CA VAL A 117 -9.11 -9.44 4.02
C VAL A 117 -8.98 -8.94 2.57
N TYR A 118 -9.20 -9.84 1.61
CA TYR A 118 -9.11 -9.43 0.19
C TYR A 118 -10.22 -8.45 -0.21
N GLY A 119 -11.42 -8.71 0.34
CA GLY A 119 -12.54 -7.82 0.17
C GLY A 119 -12.29 -6.41 0.61
N GLU A 120 -11.61 -6.27 1.73
CA GLU A 120 -11.33 -4.95 2.33
C GLU A 120 -10.04 -4.26 1.81
N SER A 121 -9.04 -5.04 1.38
CA SER A 121 -7.70 -4.52 1.20
C SER A 121 -6.99 -5.02 -0.09
N ARG A 122 -7.72 -5.66 -1.02
CA ARG A 122 -7.13 -6.00 -2.35
C ARG A 122 -6.32 -4.79 -2.81
N GLY A 123 -5.12 -5.05 -3.32
CA GLY A 123 -4.26 -4.01 -3.88
C GLY A 123 -3.52 -3.10 -2.86
N GLU A 124 -3.82 -3.23 -1.59
CA GLU A 124 -3.14 -2.41 -0.51
C GLU A 124 -1.73 -2.90 -0.32
N PRO A 125 -0.84 -2.07 0.29
CA PRO A 125 0.45 -2.64 0.60
C PRO A 125 0.20 -3.90 1.46
N TYR A 126 1.09 -4.87 1.29
CA TYR A 126 0.99 -6.11 2.04
C TYR A 126 0.75 -5.82 3.53
N LEU A 127 1.49 -4.83 4.08
CA LEU A 127 1.24 -4.43 5.51
C LEU A 127 -0.24 -4.09 5.87
N GLY A 128 -0.94 -3.42 4.95
CA GLY A 128 -2.40 -3.06 5.04
C GLY A 128 -3.28 -4.34 5.07
N GLN A 129 -2.82 -5.38 4.40
CA GLN A 129 -3.62 -6.63 4.31
C GLN A 129 -3.41 -7.42 5.62
N VAL A 130 -2.17 -7.52 6.06
CA VAL A 130 -1.89 -8.13 7.41
C VAL A 130 -2.74 -7.33 8.51
N ALA A 131 -2.80 -6.01 8.38
CA ALA A 131 -3.46 -5.15 9.33
C ALA A 131 -4.96 -5.50 9.47
N VAL A 132 -5.62 -5.72 8.34
CA VAL A 132 -7.06 -6.08 8.36
C VAL A 132 -7.23 -7.45 9.06
N ALA A 133 -6.37 -8.39 8.71
CA ALA A 133 -6.36 -9.66 9.40
C ALA A 133 -6.16 -9.45 10.89
N ALA A 134 -5.19 -8.56 11.26
CA ALA A 134 -4.96 -8.23 12.65
C ALA A 134 -6.19 -7.70 13.36
N VAL A 135 -6.95 -6.85 12.66
CA VAL A 135 -8.13 -6.32 13.24
C VAL A 135 -9.13 -7.43 13.54
N ILE A 136 -9.29 -8.37 12.59
CA ILE A 136 -10.23 -9.54 12.85
C ILE A 136 -9.85 -10.27 14.11
N LEU A 137 -8.53 -10.52 14.29
CA LEU A 137 -8.15 -11.21 15.51
C LEU A 137 -8.34 -10.34 16.77
N ASN A 138 -8.10 -9.03 16.68
CA ASN A 138 -8.34 -8.17 17.82
C ASN A 138 -9.81 -8.15 18.19
N ARG A 139 -10.73 -8.25 17.21
CA ARG A 139 -12.16 -8.19 17.49
C ARG A 139 -12.53 -9.52 18.17
N VAL A 140 -11.92 -10.63 17.72
CA VAL A 140 -12.19 -11.87 18.42
C VAL A 140 -11.89 -11.75 19.93
N THR A 141 -10.70 -11.21 20.22
CA THR A 141 -10.22 -10.97 21.59
C THR A 141 -11.15 -10.03 22.36
N SER A 142 -11.57 -8.92 21.72
CA SER A 142 -12.42 -7.88 22.36
C SER A 142 -13.76 -8.41 22.90
N ALA A 143 -14.18 -7.89 24.07
CA ALA A 143 -15.52 -8.23 24.57
C ALA A 143 -16.59 -7.62 23.69
N SER A 144 -16.22 -6.63 22.87
CA SER A 144 -17.24 -5.75 22.20
C SER A 144 -17.61 -6.28 20.84
N PHE A 145 -16.99 -7.40 20.46
CA PHE A 145 -17.31 -8.13 19.21
C PHE A 145 -17.43 -9.59 19.54
N PRO A 146 -18.01 -10.38 18.62
CA PRO A 146 -18.06 -11.84 18.85
C PRO A 146 -16.70 -12.49 19.13
N ASN A 147 -16.74 -13.69 19.70
CA ASN A 147 -15.53 -14.36 20.16
C ASN A 147 -15.06 -15.57 19.38
N THR A 148 -15.55 -15.68 18.14
CA THR A 148 -15.05 -16.60 17.13
C THR A 148 -14.78 -15.76 15.85
N VAL A 149 -13.79 -16.26 15.11
CA VAL A 149 -13.51 -15.78 13.78
C VAL A 149 -14.77 -15.65 12.86
N SER A 150 -15.64 -16.67 12.84
CA SER A 150 -16.91 -16.69 12.03
C SER A 150 -17.78 -15.53 12.49
N GLY A 151 -18.01 -15.47 13.83
CA GLY A 151 -18.85 -14.47 14.44
C GLY A 151 -18.36 -13.08 14.03
N VAL A 152 -17.07 -12.82 14.07
CA VAL A 152 -16.54 -11.47 13.70
C VAL A 152 -16.77 -11.16 12.21
N ILE A 153 -16.41 -12.13 11.36
CA ILE A 153 -16.55 -11.97 9.90
C ILE A 153 -17.99 -11.75 9.44
N PHE A 154 -18.94 -12.45 10.08
CA PHE A 154 -20.38 -12.40 9.73
C PHE A 154 -21.21 -11.32 10.45
N GLU A 155 -20.59 -10.46 11.26
CA GLU A 155 -21.34 -9.28 11.73
C GLU A 155 -21.93 -8.45 10.58
N PRO A 156 -23.20 -8.14 10.69
CA PRO A 156 -23.90 -7.52 9.58
C PRO A 156 -23.14 -6.44 8.81
N ARG A 157 -22.55 -5.41 9.33
CA ARG A 157 -21.97 -4.66 8.14
C ARG A 157 -20.54 -4.83 7.72
N ALA A 158 -19.94 -5.86 8.28
CA ALA A 158 -18.60 -5.75 8.67
C ALA A 158 -17.65 -5.91 7.53
N PHE A 159 -17.82 -6.96 6.70
CA PHE A 159 -16.89 -7.35 5.64
C PHE A 159 -17.66 -7.50 4.33
N THR A 160 -17.29 -6.68 3.33
CA THR A 160 -18.03 -6.67 2.09
C THR A 160 -17.96 -8.03 1.35
N ALA A 161 -16.90 -8.83 1.63
CA ALA A 161 -16.82 -10.20 1.07
C ALA A 161 -18.04 -11.00 1.42
N VAL A 162 -18.69 -10.67 2.57
CA VAL A 162 -19.90 -11.44 2.96
C VAL A 162 -21.05 -11.07 2.03
N ALA A 163 -21.43 -9.80 2.00
CA ALA A 163 -22.51 -9.38 1.10
C ALA A 163 -22.24 -9.68 -0.33
N ASP A 164 -20.98 -9.61 -0.75
CA ASP A 164 -20.56 -9.83 -2.15
C ASP A 164 -20.46 -11.33 -2.62
N GLY A 165 -20.80 -12.29 -1.77
CA GLY A 165 -20.77 -13.68 -2.11
C GLY A 165 -19.36 -14.24 -2.35
N GLN A 166 -18.35 -13.67 -1.67
CA GLN A 166 -16.91 -14.11 -1.85
C GLN A 166 -16.33 -14.93 -0.72
N ILE A 167 -17.08 -15.16 0.35
CA ILE A 167 -16.44 -15.68 1.58
C ILE A 167 -16.13 -17.17 1.44
N TYR A 168 -16.77 -17.87 0.48
CA TYR A 168 -16.48 -19.29 0.22
C TYR A 168 -15.63 -19.56 -1.02
N LEU A 169 -14.96 -18.56 -1.57
CA LEU A 169 -14.13 -18.77 -2.76
C LEU A 169 -12.77 -19.26 -2.44
N THR A 170 -12.08 -19.83 -3.42
CA THR A 170 -10.64 -20.08 -3.13
C THR A 170 -9.95 -18.77 -2.91
N PRO A 171 -9.19 -18.65 -1.81
CA PRO A 171 -8.63 -17.36 -1.41
C PRO A 171 -7.48 -16.83 -2.27
N ASN A 172 -7.46 -15.50 -2.48
CA ASN A 172 -6.22 -14.85 -2.93
C ASN A 172 -5.01 -15.33 -2.13
N GLU A 173 -3.95 -15.78 -2.81
CA GLU A 173 -2.78 -16.34 -2.07
C GLU A 173 -2.12 -15.32 -1.18
N THR A 174 -2.07 -14.06 -1.62
CA THR A 174 -1.40 -13.09 -0.73
C THR A 174 -2.23 -12.68 0.46
N ALA A 175 -3.57 -12.58 0.30
CA ALA A 175 -4.44 -12.22 1.41
C ALA A 175 -4.29 -13.39 2.42
N LYS A 176 -4.20 -14.59 1.87
CA LYS A 176 -4.03 -15.76 2.77
C LYS A 176 -2.71 -15.76 3.55
N LYS A 177 -1.62 -15.39 2.88
CA LYS A 177 -0.36 -15.18 3.62
C LYS A 177 -0.46 -14.14 4.69
N ALA A 178 -1.14 -13.03 4.37
CA ALA A 178 -1.34 -11.89 5.36
C ALA A 178 -2.05 -12.44 6.62
N VAL A 179 -3.11 -13.21 6.40
CA VAL A 179 -3.84 -13.88 7.46
C VAL A 179 -2.93 -14.73 8.39
N LEU A 180 -2.12 -15.60 7.79
CA LEU A 180 -1.25 -16.44 8.57
C LEU A 180 -0.18 -15.57 9.27
N ASP A 181 0.31 -14.51 8.61
CA ASP A 181 1.22 -13.58 9.27
C ASP A 181 0.59 -12.98 10.54
N ALA A 182 -0.68 -12.57 10.46
CA ALA A 182 -1.34 -11.94 11.62
C ALA A 182 -1.57 -12.99 12.74
N ILE A 183 -1.96 -14.20 12.36
CA ILE A 183 -2.13 -15.27 13.34
C ILE A 183 -0.77 -15.55 14.04
N ASN A 184 0.33 -15.42 13.27
CA ASN A 184 1.66 -15.56 13.82
C ASN A 184 2.15 -14.37 14.58
N GLY A 185 1.28 -13.38 14.81
CA GLY A 185 1.56 -12.41 15.82
C GLY A 185 1.95 -11.07 15.27
N TRP A 186 1.89 -10.93 13.92
CA TRP A 186 2.18 -9.61 13.36
C TRP A 186 0.95 -8.74 13.45
N ASP A 187 0.94 -7.70 14.31
CA ASP A 187 -0.16 -6.74 14.34
C ASP A 187 0.40 -5.33 14.12
N PRO A 188 0.36 -4.86 12.88
CA PRO A 188 0.98 -3.60 12.61
C PRO A 188 0.07 -2.40 13.03
N THR A 189 -1.13 -2.68 13.56
CA THR A 189 -2.16 -1.62 13.75
C THR A 189 -2.10 -1.10 15.20
N GLY A 190 -1.26 -1.67 16.06
CA GLY A 190 -1.26 -1.30 17.48
C GLY A 190 -2.56 -1.64 18.22
N ASN A 191 -3.10 -2.82 17.93
CA ASN A 191 -4.30 -3.37 18.61
C ASN A 191 -5.59 -2.58 18.22
N ALA A 192 -5.68 -2.23 16.94
CA ALA A 192 -6.84 -1.56 16.39
C ALA A 192 -8.01 -2.52 16.36
N LEU A 193 -9.19 -1.91 16.49
CA LEU A 193 -10.50 -2.56 16.34
C LEU A 193 -11.32 -2.05 15.14
N TYR A 194 -11.01 -0.85 14.69
CA TYR A 194 -11.79 -0.20 13.61
C TYR A 194 -10.85 0.35 12.57
N TYR A 195 -11.37 0.50 11.34
CA TYR A 195 -10.58 1.19 10.26
C TYR A 195 -11.51 1.75 9.20
N PHE A 196 -11.04 2.76 8.48
CA PHE A 196 -11.86 3.33 7.46
C PHE A 196 -10.99 4.04 6.47
N ASN A 197 -11.54 4.29 5.31
CA ASN A 197 -10.82 5.06 4.31
C ASN A 197 -11.32 6.52 4.42
N PRO A 198 -10.50 7.44 4.91
CA PRO A 198 -11.04 8.79 5.15
C PRO A 198 -11.55 9.47 3.85
N ASP A 199 -11.14 9.00 2.65
CA ASP A 199 -11.61 9.73 1.44
C ASP A 199 -12.97 9.32 1.02
N THR A 200 -13.33 8.07 1.26
CA THR A 200 -14.62 7.61 0.78
C THR A 200 -15.62 7.32 1.91
N ALA A 201 -15.15 7.23 3.17
CA ALA A 201 -16.05 6.75 4.25
C ALA A 201 -17.25 7.69 4.40
N THR A 202 -18.44 7.15 4.55
CA THR A 202 -19.64 8.00 4.65
C THR A 202 -20.28 7.89 6.04
N SER A 203 -19.73 7.00 6.88
CA SER A 203 -20.11 6.96 8.29
C SER A 203 -19.80 8.33 8.93
N LYS A 204 -20.78 8.85 9.60
CA LYS A 204 -20.59 9.98 10.47
C LYS A 204 -19.77 9.60 11.73
N TRP A 205 -20.12 8.49 12.37
CA TRP A 205 -19.52 8.17 13.67
C TRP A 205 -18.06 7.60 13.61
N ILE A 206 -17.64 7.07 12.45
CA ILE A 206 -16.31 6.51 12.42
C ILE A 206 -15.24 7.56 12.78
N TRP A 207 -15.49 8.84 12.49
CA TRP A 207 -14.50 9.88 12.70
C TRP A 207 -14.37 10.09 14.20
N THR A 208 -15.31 9.54 14.98
CA THR A 208 -15.19 9.66 16.46
C THR A 208 -14.19 8.68 17.14
N ARG A 209 -13.86 7.57 16.50
CA ARG A 209 -12.89 6.64 17.07
C ARG A 209 -11.47 7.31 17.27
N PRO A 210 -10.81 6.98 18.36
CA PRO A 210 -9.42 7.38 18.53
C PRO A 210 -8.48 6.72 17.46
N GLN A 211 -7.86 7.59 16.67
CA GLN A 211 -7.03 7.13 15.54
C GLN A 211 -5.66 6.65 16.02
N ILE A 212 -5.21 5.52 15.51
CA ILE A 212 -3.84 5.07 15.89
C ILE A 212 -2.81 5.34 14.84
N LYS A 213 -3.12 4.91 13.64
CA LYS A 213 -2.17 5.15 12.54
C LYS A 213 -2.78 4.96 11.17
N LYS A 214 -2.10 5.34 10.11
CA LYS A 214 -2.66 5.10 8.76
C LYS A 214 -1.68 4.16 8.01
N ILE A 215 -2.26 3.14 7.34
CA ILE A 215 -1.55 2.22 6.49
C ILE A 215 -2.29 2.17 5.17
N GLY A 216 -1.60 2.44 4.09
CA GLY A 216 -2.23 2.50 2.78
C GLY A 216 -3.40 3.54 2.84
N LYS A 217 -4.59 3.16 2.33
CA LYS A 217 -5.71 4.04 2.32
C LYS A 217 -6.51 4.01 3.63
N HIS A 218 -6.13 3.14 4.57
CA HIS A 218 -6.88 3.00 5.87
C HIS A 218 -6.23 3.61 7.10
N ILE A 219 -6.99 4.38 7.84
CA ILE A 219 -6.65 4.85 9.20
C ILE A 219 -7.21 3.75 10.15
N PHE A 220 -6.36 3.25 11.02
CA PHE A 220 -6.68 2.27 12.03
C PHE A 220 -6.91 2.92 13.40
N CYS A 221 -7.98 2.48 14.08
CA CYS A 221 -8.48 3.16 15.28
C CYS A 221 -8.79 2.19 16.37
N LYS A 222 -8.72 2.67 17.63
CA LYS A 222 -9.25 1.95 18.80
C LYS A 222 -10.80 1.90 18.76
N VAL B 101 8.33 26.02 -14.41
CA VAL B 101 7.58 25.23 -13.36
C VAL B 101 6.08 24.96 -13.73
N PRO B 102 5.70 23.69 -14.05
CA PRO B 102 4.32 23.51 -14.53
C PRO B 102 3.31 23.82 -13.43
N ASN B 103 2.11 24.23 -13.83
CA ASN B 103 1.07 24.56 -12.87
C ASN B 103 0.78 23.35 -11.98
N GLY B 104 0.51 23.64 -10.72
CA GLY B 104 0.26 22.58 -9.79
C GLY B 104 1.49 22.13 -9.03
N TYR B 105 2.68 22.55 -9.47
CA TYR B 105 3.94 22.22 -8.76
C TYR B 105 4.77 23.44 -8.30
N SER B 106 5.44 23.36 -7.16
CA SER B 106 6.38 24.41 -6.82
C SER B 106 7.77 24.05 -7.38
N GLN B 107 8.68 25.03 -7.40
CA GLN B 107 10.10 24.79 -7.68
C GLN B 107 10.65 23.69 -6.78
N ASN B 108 10.33 23.79 -5.49
CA ASN B 108 10.71 22.74 -4.57
C ASN B 108 10.17 21.37 -4.95
N ASP B 109 8.91 21.29 -5.41
CA ASP B 109 8.34 20.03 -5.84
C ASP B 109 9.17 19.41 -6.96
N ILE B 110 9.52 20.22 -7.94
CA ILE B 110 10.24 19.68 -9.10
C ILE B 110 11.64 19.29 -8.68
N GLN B 111 12.29 20.12 -7.87
CA GLN B 111 13.63 19.79 -7.46
C GLN B 111 13.64 18.47 -6.68
N ALA B 114 13.07 15.59 -8.93
CA ALA B 114 14.23 15.27 -9.78
C ALA B 114 15.28 14.50 -8.93
N ASN B 115 15.44 14.93 -7.67
CA ASN B 115 16.41 14.22 -6.80
C ASN B 115 16.03 12.80 -6.35
N ALA B 116 14.74 12.60 -6.03
CA ALA B 116 14.12 11.25 -5.74
C ALA B 116 14.34 10.36 -6.94
N VAL B 117 14.11 10.93 -8.17
CA VAL B 117 14.30 10.11 -9.41
C VAL B 117 15.77 9.68 -9.61
N TYR B 118 16.66 10.65 -9.40
CA TYR B 118 18.11 10.39 -9.52
C TYR B 118 18.64 9.35 -8.53
N GLY B 119 18.10 9.39 -7.32
CA GLY B 119 18.44 8.45 -6.28
C GLY B 119 18.04 7.07 -6.70
N GLU B 120 16.91 6.96 -7.41
CA GLU B 120 16.36 5.63 -7.80
C GLU B 120 16.86 5.04 -9.13
N SER B 121 17.26 5.87 -10.07
CA SER B 121 17.35 5.47 -11.47
C SER B 121 18.53 6.20 -12.18
N ARG B 122 19.47 6.81 -11.42
CA ARG B 122 20.71 7.31 -12.09
C ARG B 122 21.28 6.21 -12.99
N GLY B 123 21.73 6.57 -14.20
CA GLY B 123 22.31 5.62 -15.19
C GLY B 123 21.31 4.74 -15.94
N GLU B 124 20.04 4.77 -15.54
CA GLU B 124 19.01 3.93 -16.28
C GLU B 124 18.70 4.59 -17.60
N PRO B 125 18.14 3.82 -18.56
CA PRO B 125 17.62 4.48 -19.78
C PRO B 125 16.70 5.61 -19.41
N TYR B 126 16.74 6.67 -20.21
CA TYR B 126 15.82 7.78 -19.96
C TYR B 126 14.38 7.37 -19.70
N LEU B 127 13.85 6.42 -20.45
CA LEU B 127 12.53 5.87 -20.15
C LEU B 127 12.29 5.41 -18.70
N GLY B 128 13.28 4.71 -18.08
CA GLY B 128 13.26 4.26 -16.66
C GLY B 128 13.27 5.42 -15.67
N GLN B 129 13.80 6.57 -16.09
CA GLN B 129 13.87 7.72 -15.20
C GLN B 129 12.50 8.42 -15.25
N VAL B 130 12.00 8.58 -16.49
CA VAL B 130 10.63 9.06 -16.64
C VAL B 130 9.70 8.13 -15.77
N ALA B 131 9.91 6.82 -15.87
CA ALA B 131 9.01 5.92 -15.21
C ALA B 131 8.97 6.09 -13.70
N VAL B 132 10.14 6.29 -13.04
CA VAL B 132 10.06 6.55 -11.56
C VAL B 132 9.25 7.82 -11.25
N ALA B 133 9.51 8.87 -12.02
CA ALA B 133 8.69 10.06 -11.89
C ALA B 133 7.21 9.78 -12.05
N ALA B 134 6.86 8.95 -13.08
CA ALA B 134 5.45 8.59 -13.31
C ALA B 134 4.88 7.83 -12.10
N VAL B 135 5.70 6.96 -11.49
CA VAL B 135 5.31 6.29 -10.23
C VAL B 135 4.98 7.27 -9.10
N ILE B 136 5.84 8.30 -8.92
CA ILE B 136 5.48 9.42 -7.95
C ILE B 136 4.14 10.03 -8.21
N LEU B 137 3.87 10.43 -9.47
CA LEU B 137 2.56 11.01 -9.80
C LEU B 137 1.40 10.03 -9.61
N ASN B 138 1.61 8.76 -9.96
CA ASN B 138 0.58 7.76 -9.69
C ASN B 138 0.27 7.57 -8.20
N ARG B 139 1.30 7.62 -7.33
CA ARG B 139 1.04 7.54 -5.91
C ARG B 139 0.34 8.79 -5.34
N VAL B 140 0.60 9.99 -5.93
CA VAL B 140 -0.20 11.15 -5.53
C VAL B 140 -1.68 10.86 -5.80
N THR B 141 -1.97 10.33 -6.98
CA THR B 141 -3.35 10.07 -7.43
C THR B 141 -4.00 8.97 -6.57
N SER B 142 -3.24 7.92 -6.18
CA SER B 142 -3.72 6.79 -5.42
C SER B 142 -4.18 7.15 -3.99
N ALA B 143 -5.33 6.61 -3.56
CA ALA B 143 -5.75 6.80 -2.22
C ALA B 143 -4.81 6.11 -1.21
N SER B 144 -3.96 5.16 -1.67
CA SER B 144 -3.16 4.34 -0.71
C SER B 144 -1.79 4.96 -0.45
N PHE B 145 -1.48 6.11 -1.06
CA PHE B 145 -0.33 6.91 -0.69
C PHE B 145 -0.75 8.34 -0.43
N PRO B 146 0.21 9.14 0.09
CA PRO B 146 -0.18 10.55 0.32
C PRO B 146 -0.59 11.28 -0.99
N ASN B 147 -1.23 12.43 -0.86
CA ASN B 147 -1.79 13.08 -2.00
C ASN B 147 -1.10 14.37 -2.37
N THR B 148 0.19 14.50 -2.03
CA THR B 148 0.99 15.59 -2.66
C THR B 148 2.32 14.93 -3.01
N VAL B 149 3.07 15.49 -3.95
CA VAL B 149 4.38 14.88 -4.30
C VAL B 149 5.35 14.84 -3.15
N SER B 150 5.30 15.89 -2.32
CA SER B 150 6.13 15.98 -1.14
C SER B 150 5.87 14.82 -0.14
N GLY B 151 4.59 14.65 0.22
CA GLY B 151 4.12 13.50 1.04
C GLY B 151 4.59 12.16 0.45
N VAL B 152 4.44 11.96 -0.85
CA VAL B 152 4.92 10.68 -1.49
C VAL B 152 6.44 10.46 -1.35
N ILE B 153 7.18 11.52 -1.71
CA ILE B 153 8.61 11.47 -1.65
C ILE B 153 9.13 11.20 -0.22
N PHE B 154 8.50 11.82 0.78
CA PHE B 154 8.98 11.68 2.16
C PHE B 154 8.39 10.48 2.94
N GLU B 155 7.55 9.65 2.34
CA GLU B 155 7.24 8.32 3.04
C GLU B 155 8.50 7.58 3.49
N PRO B 156 8.49 7.09 4.75
CA PRO B 156 9.70 6.48 5.34
C PRO B 156 10.24 5.34 4.44
N ARG B 157 11.52 5.45 4.15
CA ARG B 157 12.22 4.52 3.27
C ARG B 157 11.73 4.39 1.81
N ALA B 158 10.79 5.22 1.35
CA ALA B 158 10.36 5.16 -0.05
C ALA B 158 11.45 5.55 -1.08
N PHE B 159 12.18 6.66 -0.80
CA PHE B 159 13.18 7.16 -1.78
C PHE B 159 14.56 7.33 -1.09
N THR B 160 15.57 6.58 -1.56
CA THR B 160 16.87 6.60 -0.87
C THR B 160 17.46 7.98 -0.87
N ALA B 161 17.03 8.87 -1.77
CA ALA B 161 17.55 10.28 -1.78
C ALA B 161 17.25 11.00 -0.48
N VAL B 162 16.12 10.70 0.15
CA VAL B 162 15.77 11.29 1.46
C VAL B 162 16.80 10.87 2.56
N ALA B 163 16.95 9.58 2.78
CA ALA B 163 17.92 9.06 3.76
C ALA B 163 19.35 9.46 3.43
N ASP B 164 19.68 9.50 2.13
CA ASP B 164 21.05 9.77 1.71
C ASP B 164 21.41 11.28 1.72
N GLY B 165 20.50 12.15 2.12
CA GLY B 165 20.87 13.58 2.25
C GLY B 165 20.90 14.31 0.89
N GLN B 166 20.20 13.77 -0.11
CA GLN B 166 20.30 14.33 -1.47
C GLN B 166 19.11 15.14 -1.92
N ILE B 167 18.06 15.25 -1.09
CA ILE B 167 16.74 15.73 -1.63
C ILE B 167 16.78 17.24 -1.86
N TYR B 168 17.69 17.98 -1.19
CA TYR B 168 17.83 19.45 -1.41
C TYR B 168 19.04 19.83 -2.25
N LEU B 169 19.59 18.92 -3.03
CA LEU B 169 20.77 19.27 -3.85
C LEU B 169 20.36 19.94 -5.16
N THR B 170 21.29 20.51 -5.91
CA THR B 170 20.88 20.96 -7.28
C THR B 170 20.62 19.71 -8.11
N PRO B 171 19.47 19.65 -8.78
CA PRO B 171 19.14 18.34 -9.42
C PRO B 171 19.98 17.98 -10.64
N ASN B 172 20.14 16.69 -10.87
CA ASN B 172 20.61 16.22 -12.16
C ASN B 172 19.72 16.71 -13.30
N GLU B 173 20.35 17.27 -14.34
CA GLU B 173 19.56 17.86 -15.45
C GLU B 173 18.59 16.88 -16.17
N THR B 174 19.12 15.72 -16.46
CA THR B 174 18.35 14.68 -17.14
C THR B 174 17.20 14.17 -16.27
N ALA B 175 17.49 13.89 -14.99
CA ALA B 175 16.42 13.46 -14.01
C ALA B 175 15.32 14.57 -14.00
N LYS B 176 15.73 15.81 -14.00
CA LYS B 176 14.75 16.86 -14.02
C LYS B 176 13.92 16.95 -15.32
N LYS B 177 14.53 16.68 -16.46
CA LYS B 177 13.80 16.64 -17.73
C LYS B 177 12.79 15.49 -17.69
N ALA B 178 13.23 14.35 -17.16
CA ALA B 178 12.34 13.16 -17.01
C ALA B 178 11.09 13.48 -16.13
N VAL B 179 11.30 14.22 -15.07
CA VAL B 179 10.23 14.65 -14.18
C VAL B 179 9.21 15.53 -14.96
N LEU B 180 9.71 16.52 -15.71
CA LEU B 180 8.81 17.38 -16.49
C LEU B 180 8.08 16.56 -17.51
N ASP B 181 8.75 15.59 -18.14
CA ASP B 181 8.08 14.73 -19.12
C ASP B 181 6.94 13.92 -18.46
N ALA B 182 7.17 13.44 -17.24
CA ALA B 182 6.14 12.74 -16.53
C ALA B 182 5.00 13.66 -16.15
N ILE B 183 5.32 14.89 -15.71
CA ILE B 183 4.17 15.80 -15.36
C ILE B 183 3.32 16.12 -16.63
N ASN B 184 4.04 16.27 -17.72
CA ASN B 184 3.45 16.49 -19.01
C ASN B 184 2.60 15.35 -19.55
N GLY B 185 2.52 14.22 -18.83
CA GLY B 185 1.57 13.18 -19.22
C GLY B 185 2.23 11.88 -19.69
N TRP B 186 3.56 11.80 -19.61
CA TRP B 186 4.20 10.58 -20.07
C TRP B 186 4.27 9.54 -18.98
N ASP B 187 3.51 8.43 -19.08
CA ASP B 187 3.63 7.35 -18.11
C ASP B 187 3.90 6.04 -18.86
N PRO B 188 5.19 5.61 -18.95
CA PRO B 188 5.59 4.40 -19.65
C PRO B 188 5.32 3.15 -18.80
N THR B 189 4.75 3.31 -17.61
CA THR B 189 4.72 2.17 -16.62
C THR B 189 3.38 1.39 -16.60
N GLY B 190 2.36 1.90 -17.29
CA GLY B 190 1.05 1.22 -17.22
C GLY B 190 0.34 1.53 -15.92
N ASN B 191 0.54 2.75 -15.39
CA ASN B 191 -0.06 3.19 -14.14
C ASN B 191 0.49 2.41 -12.90
N ALA B 192 1.79 2.19 -12.90
CA ALA B 192 2.44 1.45 -11.82
C ALA B 192 2.45 2.29 -10.55
N LEU B 193 2.33 1.59 -9.44
CA LEU B 193 2.53 2.15 -8.07
C LEU B 193 3.85 1.66 -7.39
N TYR B 194 4.41 0.55 -7.85
CA TYR B 194 5.58 -0.03 -7.17
C TYR B 194 6.62 -0.41 -8.18
N TYR B 195 7.86 -0.53 -7.72
CA TYR B 195 8.91 -1.06 -8.65
C TYR B 195 10.01 -1.63 -7.85
N PHE B 196 10.76 -2.49 -8.49
CA PHE B 196 11.91 -3.04 -7.79
C PHE B 196 12.92 -3.63 -8.71
N ASN B 197 14.13 -3.86 -8.19
CA ASN B 197 15.21 -4.50 -8.97
C ASN B 197 15.26 -6.02 -8.58
N PRO B 198 14.83 -6.90 -9.46
CA PRO B 198 14.72 -8.32 -9.05
C PRO B 198 16.07 -8.95 -8.70
N ASP B 199 17.17 -8.35 -9.14
CA ASP B 199 18.53 -8.83 -8.75
C ASP B 199 18.90 -8.58 -7.31
N THR B 200 18.60 -7.38 -6.86
CA THR B 200 19.10 -6.93 -5.58
C THR B 200 18.03 -6.81 -4.50
N ALA B 201 16.74 -6.86 -4.90
CA ALA B 201 15.63 -6.65 -3.95
C ALA B 201 15.65 -7.61 -2.74
N THR B 202 15.65 -7.09 -1.52
CA THR B 202 15.62 -8.01 -0.37
C THR B 202 14.24 -8.03 0.28
N SER B 203 13.32 -7.19 -0.21
CA SER B 203 11.91 -7.28 0.24
C SER B 203 11.32 -8.64 -0.16
N LYS B 204 10.80 -9.35 0.82
CA LYS B 204 10.04 -10.56 0.56
C LYS B 204 8.69 -10.22 -0.14
N TRP B 205 7.99 -9.19 0.34
CA TRP B 205 6.61 -8.95 -0.14
C TRP B 205 6.53 -8.24 -1.51
N ILE B 206 7.61 -7.60 -1.96
CA ILE B 206 7.52 -6.86 -3.24
C ILE B 206 7.17 -7.84 -4.38
N TRP B 207 7.59 -9.10 -4.27
CA TRP B 207 7.35 -10.10 -5.29
C TRP B 207 5.91 -10.47 -5.33
N THR B 208 5.17 -10.08 -4.30
CA THR B 208 3.71 -10.32 -4.31
C THR B 208 2.89 -9.31 -5.21
N ARG B 209 3.44 -8.17 -5.58
CA ARG B 209 2.67 -7.22 -6.42
C ARG B 209 2.45 -7.79 -7.86
N PRO B 210 1.28 -7.51 -8.46
CA PRO B 210 1.10 -7.84 -9.86
C PRO B 210 2.10 -7.06 -10.75
N GLN B 211 2.85 -7.82 -11.53
CA GLN B 211 3.89 -7.21 -12.36
C GLN B 211 3.34 -6.70 -13.70
N ILE B 212 3.78 -5.53 -14.11
CA ILE B 212 3.28 -4.97 -15.39
C ILE B 212 4.31 -5.13 -16.49
N LYS B 213 5.51 -4.62 -16.25
CA LYS B 213 6.61 -4.72 -17.27
C LYS B 213 7.91 -4.36 -16.69
N LYS B 214 8.99 -4.60 -17.41
CA LYS B 214 10.25 -4.25 -16.91
C LYS B 214 10.82 -3.13 -17.84
N ILE B 215 11.45 -2.15 -17.24
CA ILE B 215 12.20 -1.11 -17.94
C ILE B 215 13.55 -0.99 -17.22
N GLY B 216 14.62 -1.25 -17.96
CA GLY B 216 15.97 -1.19 -17.42
C GLY B 216 16.04 -2.27 -16.34
N LYS B 217 16.61 -1.92 -15.18
CA LYS B 217 16.78 -2.86 -14.10
C LYS B 217 15.52 -2.97 -13.26
N HIS B 218 14.47 -2.19 -13.53
CA HIS B 218 13.25 -2.21 -12.70
C HIS B 218 12.00 -2.89 -13.29
N ILE B 219 11.37 -3.76 -12.51
CA ILE B 219 10.02 -4.30 -12.81
C ILE B 219 9.04 -3.34 -12.16
N PHE B 220 8.08 -2.84 -12.93
CA PHE B 220 7.03 -1.99 -12.49
C PHE B 220 5.77 -2.84 -12.23
N CYS B 221 5.10 -2.58 -11.11
CA CYS B 221 3.95 -3.38 -10.59
C CYS B 221 2.79 -2.48 -10.17
N LYS B 222 1.58 -3.05 -10.10
CA LYS B 222 0.41 -2.42 -9.48
C LYS B 222 0.55 -2.53 -7.96
#